data_5DIQ
#
_entry.id   5DIQ
#
_cell.length_a   111.629
_cell.length_b   111.629
_cell.length_c   76.835
_cell.angle_alpha   90.000
_cell.angle_beta   90.000
_cell.angle_gamma   90.000
#
_symmetry.space_group_name_H-M   'P 41 21 2'
#
loop_
_entity.id
_entity.type
_entity.pdbx_description
1 polymer 'Farnesyl pyrophosphate synthase'
2 non-polymer GLYCEROL
3 non-polymer '2-(naphthalen-1-ylmethoxy)benzoic acid'
4 non-polymer 'MAGNESIUM ION'
5 non-polymer 'PHOSPHATE ION'
6 water water
#
_entity_poly.entity_id   1
_entity_poly.type   'polypeptide(L)'
_entity_poly.pdbx_seq_one_letter_code
;GPNSDVYAQEKQDFVQHFSQIVRVLTEDEMGHPEIGDAIARLKEVLEYNAIGGKYNRGLTVVVAFRELVEPRKQDADSLQ
RAWTVGWCVELLQAFFLVADDIMDSSLTRRGQICWYQKPGVGLDAINDANLLEACIYRLLKLYCREQPYYLNLIELFLQS
SYQTEIGQTLDLLTAPQGNVDLVRFTEKRYKSIVKYKTAFYSFYLPIAAAMYMAGIDGEKEHANAKKILLEMGEFFQIQD
DYLDLFGDPSVTGKIGTDIQDNKCSWLVVQCLQRATPEQYQILKENYGQKEAEKVARVKALYEELDLPAVFLQYEEDSYS
HIMALIEQYAAPLPPAVFLGLARKIYKRRK
;
_entity_poly.pdbx_strand_id   F
#
loop_
_chem_comp.id
_chem_comp.type
_chem_comp.name
_chem_comp.formula
5B9 non-polymer '2-(naphthalen-1-ylmethoxy)benzoic acid' 'C18 H14 O3'
GOL non-polymer GLYCEROL 'C3 H8 O3'
MG non-polymer 'MAGNESIUM ION' 'Mg 2'
PO4 non-polymer 'PHOSPHATE ION' 'O4 P -3'
#
# COMPACT_ATOMS: atom_id res chain seq x y z
N ASP A 5 -0.15 7.89 -20.93
CA ASP A 5 0.03 7.35 -19.58
C ASP A 5 0.05 5.80 -19.60
N VAL A 6 1.22 5.20 -19.29
CA VAL A 6 1.47 3.75 -19.26
C VAL A 6 0.50 3.01 -18.31
N TYR A 7 0.07 3.65 -17.21
CA TYR A 7 -0.87 3.09 -16.25
C TYR A 7 -2.29 3.09 -16.82
N ALA A 8 -2.74 4.26 -17.36
CA ALA A 8 -4.07 4.41 -17.96
C ALA A 8 -4.22 3.55 -19.22
N GLN A 9 -3.09 3.20 -19.87
CA GLN A 9 -3.03 2.32 -21.02
C GLN A 9 -3.26 0.85 -20.60
N GLU A 10 -2.63 0.42 -19.47
CA GLU A 10 -2.76 -0.97 -19.00
C GLU A 10 -4.01 -1.22 -18.15
N LYS A 11 -4.60 -0.17 -17.53
CA LYS A 11 -5.73 -0.27 -16.60
C LYS A 11 -6.90 -1.17 -17.08
N GLN A 12 -7.49 -0.89 -18.26
CA GLN A 12 -8.62 -1.64 -18.80
C GLN A 12 -8.32 -3.11 -19.00
N ASP A 13 -7.12 -3.45 -19.53
CA ASP A 13 -6.74 -4.86 -19.71
C ASP A 13 -6.57 -5.54 -18.33
N PHE A 14 -6.09 -4.79 -17.33
CA PHE A 14 -5.87 -5.29 -15.96
C PHE A 14 -7.20 -5.58 -15.26
N VAL A 15 -8.10 -4.58 -15.21
CA VAL A 15 -9.45 -4.71 -14.63
C VAL A 15 -10.24 -5.81 -15.33
N GLN A 16 -10.14 -5.91 -16.68
CA GLN A 16 -10.85 -6.95 -17.44
C GLN A 16 -10.37 -8.36 -17.11
N HIS A 17 -9.07 -8.53 -16.73
CA HIS A 17 -8.50 -9.82 -16.31
C HIS A 17 -9.14 -10.33 -14.99
N PHE A 18 -9.71 -9.41 -14.17
CA PHE A 18 -10.33 -9.80 -12.89
C PHE A 18 -11.41 -10.86 -13.03
N SER A 19 -12.27 -10.79 -14.08
CA SER A 19 -13.32 -11.78 -14.34
C SER A 19 -12.71 -13.17 -14.49
N GLN A 20 -11.55 -13.26 -15.19
CA GLN A 20 -10.85 -14.53 -15.39
C GLN A 20 -10.30 -15.04 -14.06
N ILE A 21 -9.70 -14.14 -13.24
CA ILE A 21 -9.16 -14.42 -11.90
C ILE A 21 -10.27 -15.04 -11.04
N VAL A 22 -11.45 -14.39 -11.00
CA VAL A 22 -12.60 -14.86 -10.22
C VAL A 22 -13.07 -16.22 -10.72
N ARG A 23 -13.18 -16.36 -12.04
CA ARG A 23 -13.60 -17.59 -12.71
C ARG A 23 -12.66 -18.74 -12.32
N VAL A 24 -11.34 -18.57 -12.50
CA VAL A 24 -10.34 -19.59 -12.20
C VAL A 24 -10.38 -19.99 -10.69
N LEU A 25 -10.56 -19.02 -9.78
CA LEU A 25 -10.63 -19.26 -8.33
C LEU A 25 -11.92 -19.92 -7.89
N THR A 26 -13.02 -19.62 -8.60
CA THR A 26 -14.31 -20.18 -8.26
C THR A 26 -14.62 -21.38 -9.14
N GLU A 27 -13.59 -21.99 -9.77
CA GLU A 27 -13.68 -23.15 -10.67
C GLU A 27 -13.05 -24.42 -10.07
N ASP A 28 -12.78 -24.38 -8.75
CA ASP A 28 -12.25 -25.49 -7.94
C ASP A 28 -13.44 -26.24 -7.32
N GLU A 29 -14.64 -25.62 -7.38
CA GLU A 29 -15.92 -26.15 -6.89
C GLU A 29 -16.54 -27.17 -7.86
N MET A 30 -16.03 -27.24 -9.12
CA MET A 30 -16.52 -28.17 -10.15
C MET A 30 -16.37 -29.62 -9.66
N GLY A 31 -15.14 -29.97 -9.28
CA GLY A 31 -14.81 -31.30 -8.75
C GLY A 31 -15.25 -31.52 -7.32
N HIS A 32 -15.53 -30.42 -6.58
CA HIS A 32 -15.96 -30.48 -5.18
C HIS A 32 -17.25 -29.63 -4.99
N PRO A 33 -18.44 -30.14 -5.40
CA PRO A 33 -19.68 -29.33 -5.27
C PRO A 33 -20.14 -29.02 -3.84
N GLU A 34 -19.73 -29.87 -2.88
CA GLU A 34 -19.99 -29.77 -1.42
C GLU A 34 -19.50 -28.40 -0.83
N ILE A 35 -18.47 -27.81 -1.42
CA ILE A 35 -17.96 -26.53 -0.95
C ILE A 35 -18.51 -25.33 -1.75
N GLY A 36 -19.52 -25.59 -2.61
CA GLY A 36 -20.15 -24.57 -3.46
C GLY A 36 -20.54 -23.29 -2.75
N ASP A 37 -21.18 -23.38 -1.58
CA ASP A 37 -21.63 -22.23 -0.80
C ASP A 37 -20.49 -21.38 -0.27
N ALA A 38 -19.37 -22.02 0.10
CA ALA A 38 -18.16 -21.35 0.60
C ALA A 38 -17.47 -20.65 -0.57
N ILE A 39 -17.50 -21.29 -1.76
CA ILE A 39 -16.93 -20.74 -2.99
C ILE A 39 -17.76 -19.51 -3.45
N ALA A 40 -19.10 -19.54 -3.31
CA ALA A 40 -19.97 -18.40 -3.63
C ALA A 40 -19.64 -17.25 -2.67
N ARG A 41 -19.43 -17.53 -1.36
CA ARG A 41 -19.04 -16.50 -0.39
C ARG A 41 -17.67 -15.92 -0.81
N LEU A 42 -16.69 -16.77 -1.17
CA LEU A 42 -15.37 -16.34 -1.65
C LEU A 42 -15.53 -15.34 -2.80
N LYS A 43 -16.38 -15.66 -3.80
CA LYS A 43 -16.62 -14.76 -4.95
C LYS A 43 -17.11 -13.35 -4.47
N GLU A 44 -18.05 -13.32 -3.52
CA GLU A 44 -18.61 -12.09 -2.95
C GLU A 44 -17.49 -11.28 -2.27
N VAL A 45 -16.60 -11.96 -1.52
CA VAL A 45 -15.48 -11.33 -0.80
C VAL A 45 -14.52 -10.65 -1.80
N LEU A 46 -14.20 -11.38 -2.87
CA LEU A 46 -13.31 -10.89 -3.93
C LEU A 46 -13.91 -9.67 -4.61
N GLU A 47 -15.19 -9.76 -5.02
CA GLU A 47 -15.88 -8.70 -5.74
C GLU A 47 -16.03 -7.43 -4.93
N TYR A 48 -16.35 -7.56 -3.65
CA TYR A 48 -16.50 -6.38 -2.79
C TYR A 48 -15.14 -5.74 -2.44
N ASN A 49 -14.13 -6.55 -2.11
CA ASN A 49 -12.89 -6.03 -1.56
C ASN A 49 -11.74 -5.83 -2.52
N ALA A 50 -11.69 -6.58 -3.64
CA ALA A 50 -10.55 -6.41 -4.54
C ALA A 50 -10.83 -5.35 -5.62
N ILE A 51 -12.11 -5.00 -5.82
CA ILE A 51 -12.56 -4.01 -6.82
C ILE A 51 -12.91 -2.69 -6.14
N GLY A 52 -12.61 -1.58 -6.79
CA GLY A 52 -12.97 -0.25 -6.31
C GLY A 52 -11.86 0.75 -6.12
N GLY A 53 -10.62 0.26 -5.95
CA GLY A 53 -9.45 1.12 -5.76
C GLY A 53 -8.89 1.64 -7.08
N LYS A 54 -7.64 2.13 -7.07
CA LYS A 54 -6.99 2.66 -8.27
C LYS A 54 -6.10 1.59 -8.95
N TYR A 55 -5.81 0.48 -8.24
CA TYR A 55 -5.02 -0.65 -8.75
C TYR A 55 -3.57 -0.28 -9.08
N ASN A 56 -3.03 0.80 -8.46
CA ASN A 56 -1.69 1.28 -8.80
C ASN A 56 -0.58 0.29 -8.50
N ARG A 57 -0.67 -0.42 -7.38
CA ARG A 57 0.32 -1.43 -7.01
C ARG A 57 0.33 -2.61 -7.98
N GLY A 58 -0.85 -3.16 -8.27
CA GLY A 58 -0.96 -4.27 -9.22
C GLY A 58 -0.59 -3.88 -10.64
N LEU A 59 -0.96 -2.66 -11.05
CA LEU A 59 -0.61 -2.14 -12.38
C LEU A 59 0.91 -1.97 -12.51
N THR A 60 1.60 -1.62 -11.40
CA THR A 60 3.06 -1.44 -11.36
C THR A 60 3.77 -2.74 -11.78
N VAL A 61 3.21 -3.91 -11.38
CA VAL A 61 3.78 -5.21 -11.78
C VAL A 61 3.76 -5.30 -13.30
N VAL A 62 2.59 -5.02 -13.89
CA VAL A 62 2.36 -5.10 -15.34
C VAL A 62 3.30 -4.12 -16.10
N VAL A 63 3.35 -2.87 -15.65
CA VAL A 63 4.17 -1.81 -16.27
C VAL A 63 5.65 -2.19 -16.20
N ALA A 64 6.14 -2.58 -15.00
CA ALA A 64 7.54 -2.95 -14.84
C ALA A 64 7.88 -4.20 -15.66
N PHE A 65 6.97 -5.19 -15.71
CA PHE A 65 7.21 -6.41 -16.50
C PHE A 65 7.44 -6.08 -17.97
N ARG A 66 6.61 -5.21 -18.56
CA ARG A 66 6.73 -4.82 -19.97
C ARG A 66 8.03 -4.04 -20.23
N GLU A 67 8.59 -3.39 -19.21
CA GLU A 67 9.84 -2.64 -19.35
C GLU A 67 11.05 -3.49 -19.07
N LEU A 68 10.87 -4.62 -18.36
CA LEU A 68 11.97 -5.50 -17.99
C LEU A 68 12.16 -6.72 -18.88
N VAL A 69 11.08 -7.14 -19.55
CA VAL A 69 11.09 -8.32 -20.42
C VAL A 69 11.23 -7.90 -21.88
N GLU A 70 12.08 -8.63 -22.65
CA GLU A 70 12.28 -8.40 -24.09
C GLU A 70 10.92 -8.50 -24.80
N PRO A 71 10.56 -7.53 -25.69
CA PRO A 71 9.24 -7.58 -26.33
C PRO A 71 8.86 -8.87 -27.07
N ARG A 72 9.87 -9.70 -27.43
CA ARG A 72 9.68 -10.99 -28.11
C ARG A 72 9.27 -12.07 -27.09
N LYS A 73 9.77 -11.96 -25.84
CA LYS A 73 9.44 -12.87 -24.73
C LYS A 73 8.12 -12.50 -24.05
N GLN A 74 7.45 -11.43 -24.55
CA GLN A 74 6.17 -10.94 -24.04
C GLN A 74 5.00 -11.57 -24.80
N ASP A 75 4.94 -12.91 -24.82
CA ASP A 75 3.85 -13.64 -25.47
C ASP A 75 2.56 -13.56 -24.62
N ALA A 76 1.43 -14.09 -25.15
CA ALA A 76 0.13 -14.06 -24.51
C ALA A 76 0.14 -14.67 -23.10
N ASP A 77 0.78 -15.85 -22.93
CA ASP A 77 0.89 -16.54 -21.66
C ASP A 77 1.65 -15.77 -20.60
N SER A 78 2.78 -15.11 -21.00
CA SER A 78 3.62 -14.31 -20.12
C SER A 78 2.89 -13.08 -19.59
N LEU A 79 2.08 -12.45 -20.45
CA LEU A 79 1.30 -11.28 -20.06
C LEU A 79 0.16 -11.64 -19.12
N GLN A 80 -0.50 -12.82 -19.34
CA GLN A 80 -1.55 -13.33 -18.44
C GLN A 80 -0.97 -13.54 -17.04
N ARG A 81 0.28 -14.07 -16.96
CA ARG A 81 1.00 -14.29 -15.69
C ARG A 81 1.28 -12.94 -15.04
N ALA A 82 1.73 -11.92 -15.82
CA ALA A 82 1.99 -10.56 -15.29
C ALA A 82 0.71 -9.95 -14.70
N TRP A 83 -0.43 -10.04 -15.43
CA TRP A 83 -1.72 -9.54 -14.93
C TRP A 83 -2.13 -10.31 -13.67
N THR A 84 -1.90 -11.66 -13.64
CA THR A 84 -2.22 -12.48 -12.48
C THR A 84 -1.39 -12.05 -11.27
N VAL A 85 -0.07 -11.86 -11.46
CA VAL A 85 0.79 -11.46 -10.34
C VAL A 85 0.42 -10.04 -9.86
N GLY A 86 0.04 -9.15 -10.79
CA GLY A 86 -0.44 -7.82 -10.42
C GLY A 86 -1.68 -7.94 -9.54
N TRP A 87 -2.60 -8.84 -9.92
CA TRP A 87 -3.79 -9.10 -9.10
C TRP A 87 -3.48 -9.72 -7.73
N CYS A 88 -2.41 -10.52 -7.63
CA CYS A 88 -1.96 -11.09 -6.35
C CYS A 88 -1.54 -9.95 -5.41
N VAL A 89 -0.91 -8.90 -5.97
CA VAL A 89 -0.51 -7.74 -5.14
C VAL A 89 -1.79 -7.05 -4.60
N GLU A 90 -2.79 -6.86 -5.48
CA GLU A 90 -4.07 -6.25 -5.08
C GLU A 90 -4.79 -7.11 -4.03
N LEU A 91 -4.74 -8.44 -4.16
CA LEU A 91 -5.33 -9.36 -3.17
C LEU A 91 -4.62 -9.30 -1.84
N LEU A 92 -3.30 -9.16 -1.86
CA LEU A 92 -2.51 -9.03 -0.65
C LEU A 92 -2.94 -7.73 0.06
N GLN A 93 -3.04 -6.62 -0.68
CA GLN A 93 -3.50 -5.37 -0.10
C GLN A 93 -4.95 -5.52 0.43
N ALA A 94 -5.84 -6.20 -0.33
CA ALA A 94 -7.24 -6.36 0.10
C ALA A 94 -7.30 -7.09 1.44
N PHE A 95 -6.46 -8.14 1.62
CA PHE A 95 -6.38 -8.93 2.87
C PHE A 95 -6.00 -8.00 4.01
N PHE A 96 -4.96 -7.14 3.81
CA PHE A 96 -4.52 -6.20 4.85
C PHE A 96 -5.63 -5.17 5.20
N LEU A 97 -6.30 -4.60 4.21
CA LEU A 97 -7.30 -3.55 4.40
C LEU A 97 -8.56 -4.04 5.08
N VAL A 98 -9.03 -5.23 4.71
CA VAL A 98 -10.21 -5.83 5.38
C VAL A 98 -9.91 -6.01 6.89
N ALA A 99 -8.73 -6.59 7.21
CA ALA A 99 -8.29 -6.85 8.59
C ALA A 99 -8.05 -5.53 9.34
N ASP A 100 -7.35 -4.57 8.71
CA ASP A 100 -7.08 -3.25 9.34
C ASP A 100 -8.35 -2.46 9.66
N ASP A 101 -9.35 -2.54 8.75
CA ASP A 101 -10.64 -1.86 8.99
C ASP A 101 -11.33 -2.44 10.23
N ILE A 102 -11.19 -3.76 10.43
CA ILE A 102 -11.75 -4.35 11.65
C ILE A 102 -10.98 -3.86 12.86
N MET A 103 -9.63 -3.92 12.80
CA MET A 103 -8.79 -3.55 13.95
C MET A 103 -8.89 -2.08 14.37
N ASP A 104 -9.08 -1.17 13.44
CA ASP A 104 -9.21 0.21 13.93
C ASP A 104 -10.67 0.70 13.96
N SER A 105 -11.65 -0.22 13.90
CA SER A 105 -13.10 0.08 13.92
C SER A 105 -13.52 1.13 12.86
N SER A 106 -13.00 1.02 11.63
CA SER A 106 -13.38 1.96 10.56
C SER A 106 -14.83 1.73 10.14
N LEU A 107 -15.45 2.77 9.61
CA LEU A 107 -16.82 2.73 9.15
C LEU A 107 -16.87 2.54 7.65
N THR A 108 -16.06 3.31 6.92
CA THR A 108 -16.04 3.28 5.46
C THR A 108 -14.62 3.10 4.91
N ARG A 109 -14.56 2.69 3.65
CA ARG A 109 -13.33 2.50 2.88
C ARG A 109 -13.77 2.80 1.43
N ARG A 110 -13.05 3.71 0.76
CA ARG A 110 -13.36 4.14 -0.62
C ARG A 110 -14.80 4.68 -0.70
N GLY A 111 -15.20 5.42 0.34
CA GLY A 111 -16.56 5.96 0.47
C GLY A 111 -17.67 4.93 0.58
N GLN A 112 -17.30 3.64 0.72
CA GLN A 112 -18.27 2.54 0.84
C GLN A 112 -18.14 1.89 2.22
N ILE A 113 -19.24 1.34 2.73
CA ILE A 113 -19.26 0.66 4.03
C ILE A 113 -18.14 -0.41 4.08
N CYS A 114 -17.34 -0.44 5.16
CA CYS A 114 -16.31 -1.47 5.33
C CYS A 114 -16.95 -2.85 5.25
N TRP A 115 -16.27 -3.79 4.63
CA TRP A 115 -16.80 -5.16 4.48
C TRP A 115 -17.35 -5.74 5.82
N TYR A 116 -16.58 -5.66 6.92
CA TYR A 116 -17.05 -6.22 8.21
C TYR A 116 -18.30 -5.47 8.74
N GLN A 117 -18.48 -4.19 8.36
CA GLN A 117 -19.65 -3.40 8.78
C GLN A 117 -20.92 -3.77 7.99
N LYS A 118 -20.80 -4.59 6.92
CA LYS A 118 -22.01 -4.99 6.17
C LYS A 118 -22.87 -5.91 7.04
N PRO A 119 -24.22 -5.72 7.02
CA PRO A 119 -25.08 -6.62 7.81
C PRO A 119 -24.88 -8.08 7.41
N GLY A 120 -24.77 -8.93 8.42
CA GLY A 120 -24.52 -10.35 8.21
C GLY A 120 -23.07 -10.73 8.04
N VAL A 121 -22.14 -9.74 7.99
CA VAL A 121 -20.71 -10.06 7.86
C VAL A 121 -20.06 -10.04 9.25
N GLY A 122 -19.82 -8.84 9.82
CA GLY A 122 -19.23 -8.73 11.15
C GLY A 122 -17.86 -9.39 11.23
N LEU A 123 -17.59 -10.08 12.34
CA LEU A 123 -16.29 -10.72 12.57
C LEU A 123 -16.01 -11.94 11.70
N ASP A 124 -17.00 -12.39 10.89
CA ASP A 124 -16.74 -13.41 9.86
C ASP A 124 -15.71 -12.87 8.83
N ALA A 125 -15.54 -11.52 8.75
CA ALA A 125 -14.57 -10.87 7.86
C ALA A 125 -13.13 -11.27 8.16
N ILE A 126 -12.86 -11.75 9.40
CA ILE A 126 -11.52 -12.26 9.75
C ILE A 126 -11.22 -13.46 8.84
N ASN A 127 -12.18 -14.37 8.71
CA ASN A 127 -12.04 -15.55 7.84
C ASN A 127 -11.99 -15.10 6.36
N ASP A 128 -12.84 -14.11 5.97
CA ASP A 128 -12.85 -13.57 4.60
C ASP A 128 -11.49 -13.01 4.24
N ALA A 129 -10.83 -12.31 5.18
CA ALA A 129 -9.47 -11.77 5.00
C ALA A 129 -8.42 -12.87 4.81
N ASN A 130 -8.52 -13.95 5.59
CA ASN A 130 -7.62 -15.11 5.45
C ASN A 130 -7.79 -15.74 4.05
N LEU A 131 -9.01 -15.80 3.53
CA LEU A 131 -9.29 -16.33 2.18
C LEU A 131 -8.67 -15.48 1.08
N LEU A 132 -8.72 -14.16 1.22
CA LEU A 132 -8.10 -13.26 0.24
C LEU A 132 -6.62 -13.55 0.17
N GLU A 133 -5.99 -13.74 1.34
CA GLU A 133 -4.57 -14.06 1.41
C GLU A 133 -4.30 -15.44 0.73
N ALA A 134 -5.14 -16.47 1.04
CA ALA A 134 -5.00 -17.81 0.45
C ALA A 134 -5.09 -17.77 -1.08
N CYS A 135 -5.93 -16.86 -1.62
CA CYS A 135 -6.11 -16.70 -3.07
C CYS A 135 -4.82 -16.34 -3.82
N ILE A 136 -3.91 -15.60 -3.19
CA ILE A 136 -2.60 -15.26 -3.79
C ILE A 136 -1.89 -16.55 -4.23
N TYR A 137 -1.75 -17.50 -3.28
CA TYR A 137 -1.00 -18.75 -3.45
C TYR A 137 -1.74 -19.72 -4.35
N ARG A 138 -3.08 -19.69 -4.38
CA ARG A 138 -3.86 -20.50 -5.33
C ARG A 138 -3.53 -20.02 -6.76
N LEU A 139 -3.55 -18.68 -6.98
CA LEU A 139 -3.25 -18.07 -8.29
C LEU A 139 -1.80 -18.30 -8.72
N LEU A 140 -0.83 -18.15 -7.80
CA LEU A 140 0.57 -18.41 -8.14
C LEU A 140 0.75 -19.85 -8.56
N LYS A 141 0.02 -20.78 -7.91
CA LYS A 141 0.13 -22.19 -8.26
C LYS A 141 -0.51 -22.43 -9.64
N LEU A 142 -1.72 -21.92 -9.85
CA LEU A 142 -2.47 -22.12 -11.10
C LEU A 142 -1.80 -21.56 -12.37
N TYR A 143 -1.12 -20.40 -12.25
CA TYR A 143 -0.51 -19.73 -13.38
C TYR A 143 1.00 -19.85 -13.47
N CYS A 144 1.72 -19.95 -12.34
CA CYS A 144 3.20 -19.86 -12.33
C CYS A 144 3.94 -21.11 -11.83
N ARG A 145 3.26 -22.20 -11.46
CA ARG A 145 3.96 -23.35 -10.85
C ARG A 145 5.06 -24.00 -11.73
N GLU A 146 4.96 -23.89 -13.07
CA GLU A 146 5.95 -24.47 -13.99
C GLU A 146 7.04 -23.45 -14.36
N GLN A 147 6.95 -22.22 -13.79
CA GLN A 147 7.92 -21.16 -14.06
C GLN A 147 9.14 -21.24 -13.15
N PRO A 148 10.35 -20.89 -13.65
CA PRO A 148 11.54 -21.01 -12.76
C PRO A 148 11.56 -20.05 -11.57
N TYR A 149 10.78 -18.96 -11.63
CA TYR A 149 10.66 -17.95 -10.57
C TYR A 149 9.52 -18.24 -9.59
N TYR A 150 8.87 -19.42 -9.71
CA TYR A 150 7.72 -19.78 -8.86
C TYR A 150 8.01 -19.64 -7.37
N LEU A 151 9.07 -20.30 -6.87
CA LEU A 151 9.46 -20.23 -5.48
C LEU A 151 9.84 -18.81 -5.08
N ASN A 152 10.55 -18.08 -5.96
CA ASN A 152 10.90 -16.68 -5.71
C ASN A 152 9.67 -15.81 -5.40
N LEU A 153 8.58 -15.97 -6.17
CA LEU A 153 7.32 -15.22 -5.97
C LEU A 153 6.60 -15.59 -4.67
N ILE A 154 6.54 -16.89 -4.37
CA ILE A 154 5.90 -17.37 -3.12
C ILE A 154 6.63 -16.74 -1.92
N GLU A 155 7.96 -16.86 -1.89
CA GLU A 155 8.79 -16.32 -0.82
C GLU A 155 8.65 -14.80 -0.73
N LEU A 156 8.55 -14.11 -1.88
CA LEU A 156 8.39 -12.65 -1.92
C LEU A 156 7.04 -12.22 -1.31
N PHE A 157 5.94 -12.89 -1.70
CA PHE A 157 4.62 -12.59 -1.15
C PHE A 157 4.55 -12.91 0.35
N LEU A 158 5.15 -14.03 0.78
CA LEU A 158 5.19 -14.41 2.22
C LEU A 158 6.02 -13.40 3.02
N GLN A 159 7.21 -13.03 2.53
CA GLN A 159 8.04 -12.02 3.20
C GLN A 159 7.35 -10.66 3.30
N SER A 160 6.73 -10.19 2.20
CA SER A 160 5.99 -8.92 2.17
C SER A 160 4.83 -8.96 3.18
N SER A 161 4.15 -10.12 3.33
CA SER A 161 3.06 -10.25 4.33
C SER A 161 3.62 -10.14 5.74
N TYR A 162 4.73 -10.84 6.02
CA TYR A 162 5.36 -10.79 7.33
C TYR A 162 5.80 -9.36 7.71
N GLN A 163 6.49 -8.67 6.79
CA GLN A 163 6.96 -7.29 6.99
C GLN A 163 5.77 -6.38 7.29
N THR A 164 4.70 -6.49 6.50
CA THR A 164 3.51 -5.67 6.71
C THR A 164 2.87 -5.92 8.08
N GLU A 165 2.79 -7.19 8.49
CA GLU A 165 2.22 -7.60 9.79
C GLU A 165 3.04 -7.09 10.94
N ILE A 166 4.37 -7.08 10.77
CA ILE A 166 5.32 -6.52 11.74
C ILE A 166 5.09 -5.00 11.87
N GLY A 167 4.91 -4.34 10.72
CA GLY A 167 4.63 -2.90 10.68
C GLY A 167 3.31 -2.58 11.33
N GLN A 168 2.29 -3.42 11.10
CA GLN A 168 0.98 -3.29 11.77
C GLN A 168 1.14 -3.48 13.31
N THR A 169 1.97 -4.45 13.75
CA THR A 169 2.19 -4.67 15.18
C THR A 169 2.80 -3.39 15.78
N LEU A 170 3.82 -2.85 15.09
CA LEU A 170 4.52 -1.63 15.50
C LEU A 170 3.55 -0.44 15.61
N ASP A 171 2.70 -0.26 14.59
CA ASP A 171 1.67 0.78 14.55
C ASP A 171 0.67 0.65 15.75
N LEU A 172 0.12 -0.57 16.00
CA LEU A 172 -0.82 -0.85 17.10
C LEU A 172 -0.20 -0.58 18.47
N LEU A 173 1.10 -0.88 18.65
CA LEU A 173 1.81 -0.59 19.92
C LEU A 173 2.04 0.93 20.12
N THR A 174 2.18 1.69 19.01
CA THR A 174 2.51 3.11 19.03
C THR A 174 1.30 3.99 19.30
N ALA A 175 0.14 3.61 18.78
CA ALA A 175 -1.11 4.33 18.98
C ALA A 175 -2.18 3.41 19.57
N PRO A 176 -2.05 2.92 20.83
CA PRO A 176 -3.10 2.03 21.37
C PRO A 176 -4.41 2.79 21.55
N GLN A 177 -5.53 2.24 21.07
CA GLN A 177 -6.87 2.84 21.15
C GLN A 177 -7.21 3.22 22.60
N GLY A 178 -7.36 4.52 22.83
CA GLY A 178 -7.64 5.09 24.14
C GLY A 178 -6.42 5.74 24.79
N ASN A 179 -5.21 5.34 24.35
CA ASN A 179 -3.93 5.85 24.86
C ASN A 179 -3.32 6.95 23.98
N VAL A 180 -3.55 8.20 24.39
CA VAL A 180 -3.02 9.38 23.70
C VAL A 180 -1.65 9.68 24.31
N ASP A 181 -0.63 8.88 23.93
CA ASP A 181 0.74 9.03 24.42
C ASP A 181 1.68 9.50 23.29
N LEU A 182 1.85 10.82 23.21
CA LEU A 182 2.68 11.49 22.21
C LEU A 182 4.19 11.20 22.35
N VAL A 183 4.62 10.67 23.52
CA VAL A 183 6.03 10.30 23.80
C VAL A 183 6.51 9.19 22.82
N ARG A 184 5.58 8.32 22.37
CA ARG A 184 5.85 7.23 21.42
C ARG A 184 6.04 7.71 19.98
N PHE A 185 5.49 8.91 19.64
CA PHE A 185 5.50 9.47 18.29
C PHE A 185 6.83 10.09 17.88
N THR A 186 7.91 9.28 17.88
CA THR A 186 9.26 9.74 17.49
C THR A 186 9.43 9.53 15.98
N GLU A 187 10.38 10.26 15.38
CA GLU A 187 10.72 10.18 13.96
C GLU A 187 11.22 8.79 13.57
N LYS A 188 12.09 8.19 14.39
CA LYS A 188 12.60 6.83 14.19
C LYS A 188 11.46 5.79 14.19
N ARG A 189 10.49 5.93 15.13
CA ARG A 189 9.36 4.99 15.16
C ARG A 189 8.49 5.18 13.93
N TYR A 190 8.24 6.45 13.57
CA TYR A 190 7.44 6.78 12.40
C TYR A 190 8.01 6.12 11.15
N LYS A 191 9.33 6.31 10.92
CA LYS A 191 10.02 5.76 9.75
C LYS A 191 9.96 4.23 9.68
N SER A 192 10.11 3.54 10.84
CA SER A 192 9.99 2.05 10.93
C SER A 192 8.60 1.58 10.60
N ILE A 193 7.56 2.28 11.09
CA ILE A 193 6.16 1.91 10.77
C ILE A 193 5.95 1.99 9.27
N VAL A 194 6.33 3.12 8.65
CA VAL A 194 6.14 3.33 7.22
C VAL A 194 6.90 2.24 6.43
N LYS A 195 8.17 2.01 6.80
CA LYS A 195 8.99 1.04 6.10
C LYS A 195 8.34 -0.34 6.07
N TYR A 196 7.96 -0.84 7.24
CA TYR A 196 7.41 -2.19 7.35
C TYR A 196 5.96 -2.29 6.92
N LYS A 197 5.12 -1.38 7.43
CA LYS A 197 3.67 -1.45 7.20
C LYS A 197 3.28 -1.08 5.77
N THR A 198 3.99 -0.14 5.13
CA THR A 198 3.52 0.25 3.79
C THR A 198 4.57 0.19 2.68
N ALA A 199 5.82 0.63 2.93
CA ALA A 199 6.84 0.74 1.86
C ALA A 199 7.20 -0.59 1.20
N PHE A 200 7.36 -1.68 2.00
CA PHE A 200 7.75 -2.99 1.43
C PHE A 200 6.71 -3.52 0.44
N TYR A 201 5.44 -3.62 0.87
CA TYR A 201 4.41 -4.17 0.00
C TYR A 201 4.01 -3.21 -1.12
N SER A 202 4.05 -1.89 -0.86
CA SER A 202 3.54 -0.96 -1.85
C SER A 202 4.50 -0.66 -2.99
N PHE A 203 5.79 -0.61 -2.70
CA PHE A 203 6.83 -0.19 -3.64
C PHE A 203 7.82 -1.27 -3.96
N TYR A 204 8.36 -1.95 -2.93
CA TYR A 204 9.30 -3.01 -3.26
C TYR A 204 8.64 -4.22 -3.94
N LEU A 205 7.60 -4.81 -3.30
CA LEU A 205 6.91 -6.01 -3.82
C LEU A 205 6.54 -5.94 -5.35
N PRO A 206 5.81 -4.91 -5.85
CA PRO A 206 5.43 -4.92 -7.28
C PRO A 206 6.60 -4.98 -8.25
N ILE A 207 7.63 -4.16 -8.01
CA ILE A 207 8.82 -4.14 -8.87
C ILE A 207 9.60 -5.43 -8.73
N ALA A 208 9.82 -5.90 -7.46
CA ALA A 208 10.57 -7.14 -7.22
C ALA A 208 9.92 -8.33 -7.91
N ALA A 209 8.57 -8.39 -7.92
CA ALA A 209 7.78 -9.46 -8.55
C ALA A 209 8.05 -9.46 -10.06
N ALA A 210 7.99 -8.27 -10.69
CA ALA A 210 8.27 -8.10 -12.12
C ALA A 210 9.72 -8.48 -12.44
N MET A 211 10.68 -8.10 -11.57
CA MET A 211 12.09 -8.50 -11.70
C MET A 211 12.21 -10.03 -11.71
N TYR A 212 11.59 -10.75 -10.75
CA TYR A 212 11.67 -12.23 -10.73
C TYR A 212 11.09 -12.83 -12.00
N MET A 213 9.95 -12.28 -12.46
CA MET A 213 9.29 -12.77 -13.68
C MET A 213 10.18 -12.58 -14.91
N ALA A 214 11.01 -11.52 -14.90
CA ALA A 214 11.96 -11.19 -15.97
C ALA A 214 13.29 -11.97 -15.81
N GLY A 215 13.38 -12.80 -14.79
CA GLY A 215 14.57 -13.61 -14.54
C GLY A 215 15.67 -12.88 -13.80
N ILE A 216 15.33 -11.72 -13.23
CA ILE A 216 16.28 -10.89 -12.48
C ILE A 216 16.11 -11.29 -11.02
N ASP A 217 16.89 -12.28 -10.58
CA ASP A 217 16.82 -12.86 -9.24
C ASP A 217 18.03 -12.58 -8.33
N GLY A 218 19.03 -11.88 -8.87
CA GLY A 218 20.25 -11.55 -8.13
C GLY A 218 19.93 -10.82 -6.83
N GLU A 219 20.61 -11.20 -5.74
CA GLU A 219 20.42 -10.58 -4.43
C GLU A 219 20.84 -9.11 -4.47
N LYS A 220 21.94 -8.82 -5.17
CA LYS A 220 22.44 -7.45 -5.31
C LYS A 220 21.47 -6.53 -6.06
N GLU A 221 20.91 -7.02 -7.19
CA GLU A 221 19.94 -6.23 -8.00
C GLU A 221 18.68 -5.96 -7.19
N HIS A 222 18.24 -6.95 -6.40
CA HIS A 222 17.08 -6.77 -5.54
C HIS A 222 17.37 -5.81 -4.39
N ALA A 223 18.58 -5.87 -3.78
CA ALA A 223 18.98 -4.95 -2.68
C ALA A 223 19.03 -3.51 -3.21
N ASN A 224 19.53 -3.33 -4.46
CA ASN A 224 19.66 -2.04 -5.14
C ASN A 224 18.29 -1.47 -5.45
N ALA A 225 17.39 -2.29 -6.04
CA ALA A 225 16.02 -1.84 -6.34
C ALA A 225 15.29 -1.47 -5.04
N LYS A 226 15.47 -2.27 -3.98
CA LYS A 226 14.88 -2.07 -2.67
C LYS A 226 15.29 -0.74 -2.06
N LYS A 227 16.58 -0.39 -2.16
CA LYS A 227 17.11 0.87 -1.64
C LYS A 227 16.36 2.08 -2.25
N ILE A 228 16.13 2.05 -3.58
CA ILE A 228 15.36 3.12 -4.25
C ILE A 228 13.91 3.08 -3.77
N LEU A 229 13.29 1.88 -3.82
CA LEU A 229 11.85 1.73 -3.58
C LEU A 229 11.39 2.01 -2.14
N LEU A 230 12.18 1.66 -1.13
CA LEU A 230 11.83 1.94 0.26
C LEU A 230 11.87 3.45 0.54
N GLU A 231 12.82 4.15 -0.08
CA GLU A 231 12.92 5.62 0.00
C GLU A 231 11.70 6.27 -0.68
N MET A 232 11.28 5.78 -1.85
CA MET A 232 10.06 6.27 -2.51
C MET A 232 8.83 6.03 -1.60
N GLY A 233 8.78 4.85 -0.95
CA GLY A 233 7.68 4.48 -0.04
C GLY A 233 7.59 5.39 1.16
N GLU A 234 8.77 5.79 1.69
CA GLU A 234 8.84 6.72 2.81
C GLU A 234 8.25 8.09 2.39
N PHE A 235 8.71 8.65 1.25
CA PHE A 235 8.19 9.94 0.74
C PHE A 235 6.67 9.82 0.50
N PHE A 236 6.22 8.73 -0.16
CA PHE A 236 4.78 8.54 -0.44
C PHE A 236 3.90 8.74 0.80
N GLN A 237 4.27 8.10 1.91
CA GLN A 237 3.53 8.15 3.17
C GLN A 237 3.59 9.51 3.83
N ILE A 238 4.77 10.17 3.77
CA ILE A 238 4.96 11.50 4.33
C ILE A 238 4.07 12.48 3.57
N GLN A 239 4.08 12.42 2.22
CA GLN A 239 3.21 13.27 1.39
C GLN A 239 1.71 12.98 1.69
N ASP A 240 1.34 11.71 1.82
CA ASP A 240 -0.02 11.27 2.15
C ASP A 240 -0.46 11.86 3.51
N ASP A 241 0.45 11.87 4.52
CA ASP A 241 0.16 12.48 5.84
C ASP A 241 0.01 13.98 5.70
N TYR A 242 0.87 14.62 4.90
CA TYR A 242 0.77 16.05 4.67
C TYR A 242 -0.58 16.41 4.01
N LEU A 243 -0.92 15.70 2.92
CA LEU A 243 -2.15 15.97 2.16
C LEU A 243 -3.43 15.60 2.92
N ASP A 244 -3.33 14.70 3.92
CA ASP A 244 -4.47 14.32 4.75
C ASP A 244 -5.12 15.57 5.35
N LEU A 245 -4.28 16.51 5.82
CA LEU A 245 -4.71 17.77 6.40
C LEU A 245 -4.70 18.95 5.42
N PHE A 246 -3.55 19.18 4.74
CA PHE A 246 -3.39 20.36 3.88
C PHE A 246 -3.76 20.15 2.40
N GLY A 247 -4.18 18.94 2.04
CA GLY A 247 -4.59 18.67 0.66
C GLY A 247 -5.98 19.20 0.36
N ASP A 248 -6.30 19.31 -0.94
CA ASP A 248 -7.62 19.75 -1.39
C ASP A 248 -8.47 18.48 -1.60
N PRO A 249 -9.58 18.28 -0.82
CA PRO A 249 -10.39 17.07 -0.99
C PRO A 249 -10.95 16.82 -2.39
N SER A 250 -11.17 17.90 -3.19
CA SER A 250 -11.65 17.83 -4.58
C SER A 250 -10.59 17.19 -5.49
N VAL A 251 -9.31 17.34 -5.12
CA VAL A 251 -8.16 16.82 -5.86
C VAL A 251 -7.74 15.45 -5.31
N THR A 252 -7.63 15.31 -3.97
CA THR A 252 -7.20 14.06 -3.33
C THR A 252 -8.26 12.97 -3.33
N GLY A 253 -9.54 13.36 -3.38
CA GLY A 253 -10.66 12.43 -3.34
C GLY A 253 -10.96 11.92 -1.93
N LYS A 254 -10.42 12.62 -0.91
CA LYS A 254 -10.62 12.28 0.50
C LYS A 254 -10.54 13.47 1.44
N ILE A 255 -11.31 13.38 2.54
CA ILE A 255 -11.33 14.37 3.62
C ILE A 255 -10.61 13.64 4.76
N GLY A 256 -9.46 14.15 5.14
CA GLY A 256 -8.62 13.55 6.16
C GLY A 256 -9.12 13.64 7.57
N THR A 257 -8.76 12.64 8.40
CA THR A 257 -9.15 12.49 9.81
C THR A 257 -8.00 12.04 10.74
N ASP A 258 -6.73 12.04 10.25
CA ASP A 258 -5.55 11.63 11.05
C ASP A 258 -5.50 12.28 12.44
N ILE A 259 -5.80 13.59 12.56
CA ILE A 259 -5.81 14.29 13.85
C ILE A 259 -6.85 13.65 14.80
N GLN A 260 -8.12 13.51 14.33
CA GLN A 260 -9.25 12.89 15.05
C GLN A 260 -8.93 11.45 15.46
N ASP A 261 -8.20 10.72 14.60
CA ASP A 261 -7.86 9.31 14.79
C ASP A 261 -6.59 9.03 15.62
N ASN A 262 -5.90 10.07 16.17
CA ASN A 262 -4.67 9.93 16.99
C ASN A 262 -3.54 9.20 16.22
N LYS A 263 -3.40 9.52 14.91
CA LYS A 263 -2.42 8.84 14.08
C LYS A 263 -1.01 9.30 14.34
N CYS A 264 -0.04 8.39 14.16
CA CYS A 264 1.37 8.75 14.26
C CYS A 264 1.72 9.21 12.82
N SER A 265 1.28 10.43 12.52
CA SER A 265 1.44 11.13 11.25
C SER A 265 2.78 11.80 11.24
N TRP A 266 3.33 12.05 10.04
CA TRP A 266 4.57 12.78 9.92
C TRP A 266 4.38 14.19 10.48
N LEU A 267 3.18 14.76 10.32
CA LEU A 267 2.86 16.12 10.79
C LEU A 267 3.00 16.26 12.32
N VAL A 268 2.44 15.31 13.08
CA VAL A 268 2.52 15.33 14.55
C VAL A 268 3.95 15.07 15.00
N VAL A 269 4.67 14.17 14.30
CA VAL A 269 6.09 13.88 14.57
C VAL A 269 6.91 15.17 14.46
N GLN A 270 6.71 15.93 13.38
CA GLN A 270 7.40 17.22 13.14
C GLN A 270 6.99 18.26 14.17
N CYS A 271 5.68 18.30 14.51
CA CYS A 271 5.14 19.23 15.49
C CYS A 271 5.79 19.03 16.85
N LEU A 272 5.94 17.76 17.28
CA LEU A 272 6.55 17.38 18.55
C LEU A 272 8.02 17.75 18.63
N GLN A 273 8.72 17.70 17.49
CA GLN A 273 10.14 18.04 17.39
C GLN A 273 10.38 19.54 17.50
N ARG A 274 9.37 20.35 17.15
CA ARG A 274 9.46 21.81 17.10
C ARG A 274 8.68 22.56 18.20
N ALA A 275 7.74 21.88 18.87
CA ALA A 275 6.92 22.51 19.90
C ALA A 275 7.63 22.88 21.19
N THR A 276 7.30 24.07 21.74
CA THR A 276 7.78 24.54 23.05
C THR A 276 6.91 23.79 24.10
N PRO A 277 7.24 23.76 25.42
CA PRO A 277 6.38 23.01 26.36
C PRO A 277 4.90 23.42 26.36
N GLU A 278 4.63 24.72 26.12
CA GLU A 278 3.27 25.28 26.05
C GLU A 278 2.53 24.82 24.79
N GLN A 279 3.23 24.80 23.64
CA GLN A 279 2.72 24.33 22.35
C GLN A 279 2.39 22.83 22.42
N TYR A 280 3.23 22.05 23.16
CA TYR A 280 3.02 20.62 23.41
C TYR A 280 1.71 20.39 24.16
N GLN A 281 1.40 21.25 25.17
CA GLN A 281 0.19 21.15 25.97
C GLN A 281 -1.07 21.36 25.10
N ILE A 282 -1.01 22.33 24.16
CA ILE A 282 -2.08 22.63 23.20
C ILE A 282 -2.39 21.38 22.34
N LEU A 283 -1.33 20.71 21.87
CA LEU A 283 -1.42 19.48 21.06
C LEU A 283 -1.92 18.30 21.91
N LYS A 284 -1.41 18.17 23.15
CA LYS A 284 -1.78 17.10 24.10
C LYS A 284 -3.29 17.11 24.42
N GLU A 285 -3.88 18.31 24.51
CA GLU A 285 -5.29 18.55 24.85
C GLU A 285 -6.26 18.46 23.67
N ASN A 286 -5.78 18.65 22.43
CA ASN A 286 -6.62 18.67 21.23
C ASN A 286 -6.45 17.48 20.26
N TYR A 287 -5.32 16.75 20.31
CA TYR A 287 -5.08 15.63 19.39
C TYR A 287 -5.90 14.38 19.78
N GLY A 288 -6.47 13.72 18.78
CA GLY A 288 -7.29 12.51 18.95
C GLY A 288 -8.74 12.73 19.33
N GLN A 289 -9.25 13.96 19.13
CA GLN A 289 -10.63 14.37 19.45
C GLN A 289 -11.44 14.61 18.17
N LYS A 290 -12.76 14.32 18.21
CA LYS A 290 -13.62 14.47 17.03
C LYS A 290 -14.20 15.86 16.83
N GLU A 291 -14.08 16.76 17.83
CA GLU A 291 -14.63 18.12 17.76
C GLU A 291 -13.89 19.00 16.74
N ALA A 292 -14.65 19.63 15.80
CA ALA A 292 -14.13 20.47 14.71
C ALA A 292 -13.24 21.61 15.16
N GLU A 293 -13.60 22.27 16.27
CA GLU A 293 -12.85 23.40 16.85
C GLU A 293 -11.49 22.93 17.36
N LYS A 294 -11.44 21.71 17.93
CA LYS A 294 -10.23 21.10 18.48
C LYS A 294 -9.24 20.69 17.38
N VAL A 295 -9.75 20.20 16.23
CA VAL A 295 -8.98 19.79 15.04
C VAL A 295 -8.40 21.05 14.39
N ALA A 296 -9.20 22.16 14.38
CA ALA A 296 -8.79 23.46 13.85
C ALA A 296 -7.62 24.06 14.65
N ARG A 297 -7.56 23.77 15.96
CA ARG A 297 -6.51 24.22 16.87
C ARG A 297 -5.19 23.51 16.56
N VAL A 298 -5.25 22.19 16.26
CA VAL A 298 -4.07 21.39 15.89
C VAL A 298 -3.53 21.93 14.55
N LYS A 299 -4.42 22.10 13.54
CA LYS A 299 -4.08 22.65 12.21
C LYS A 299 -3.40 24.00 12.38
N ALA A 300 -3.95 24.86 13.29
CA ALA A 300 -3.44 26.20 13.59
C ALA A 300 -2.03 26.11 14.17
N LEU A 301 -1.79 25.14 15.10
CA LEU A 301 -0.47 24.94 15.69
C LEU A 301 0.54 24.50 14.60
N TYR A 302 0.10 23.62 13.68
CA TYR A 302 0.94 23.13 12.57
C TYR A 302 1.38 24.29 11.66
N GLU A 303 0.44 25.19 11.31
CA GLU A 303 0.70 26.39 10.48
C GLU A 303 1.61 27.38 11.22
N GLU A 304 1.47 27.46 12.56
CA GLU A 304 2.28 28.33 13.41
C GLU A 304 3.75 27.84 13.41
N LEU A 305 3.94 26.49 13.38
CA LEU A 305 5.26 25.84 13.32
C LEU A 305 5.85 25.75 11.92
N ASP A 306 5.15 26.30 10.90
CA ASP A 306 5.51 26.34 9.47
C ASP A 306 5.76 24.95 8.88
N LEU A 307 4.93 23.98 9.30
CA LEU A 307 5.01 22.61 8.80
C LEU A 307 4.77 22.54 7.29
N PRO A 308 3.87 23.36 6.65
CA PRO A 308 3.77 23.32 5.18
C PRO A 308 5.09 23.72 4.48
N ALA A 309 5.84 24.69 5.05
CA ALA A 309 7.13 25.10 4.49
C ALA A 309 8.18 24.01 4.74
N VAL A 310 8.13 23.36 5.93
CA VAL A 310 9.03 22.25 6.26
C VAL A 310 8.78 21.09 5.28
N PHE A 311 7.48 20.80 5.00
CA PHE A 311 7.12 19.74 4.05
C PHE A 311 7.65 20.06 2.66
N LEU A 312 7.40 21.29 2.17
CA LEU A 312 7.83 21.69 0.83
C LEU A 312 9.36 21.55 0.68
N GLN A 313 10.13 21.96 1.70
CA GLN A 313 11.60 21.83 1.69
C GLN A 313 11.94 20.34 1.64
N TYR A 314 11.23 19.52 2.44
CA TYR A 314 11.41 18.08 2.50
C TYR A 314 11.13 17.44 1.12
N GLU A 315 10.06 17.86 0.45
CA GLU A 315 9.66 17.34 -0.86
C GLU A 315 10.76 17.60 -1.89
N GLU A 316 11.36 18.79 -1.81
CA GLU A 316 12.45 19.17 -2.70
C GLU A 316 13.70 18.36 -2.46
N ASP A 317 14.12 18.22 -1.19
CA ASP A 317 15.29 17.40 -0.81
C ASP A 317 15.08 15.92 -1.15
N SER A 318 13.86 15.40 -0.88
CA SER A 318 13.50 14.00 -1.15
C SER A 318 13.57 13.70 -2.66
N TYR A 319 13.02 14.59 -3.50
CA TYR A 319 13.06 14.41 -4.95
C TYR A 319 14.52 14.35 -5.48
N SER A 320 15.40 15.25 -4.99
CA SER A 320 16.84 15.26 -5.38
C SER A 320 17.48 13.95 -4.95
N HIS A 321 17.17 13.51 -3.73
CA HIS A 321 17.72 12.27 -3.17
C HIS A 321 17.24 11.05 -3.98
N ILE A 322 15.95 10.99 -4.36
CA ILE A 322 15.46 9.87 -5.15
C ILE A 322 16.11 9.82 -6.55
N MET A 323 16.36 10.98 -7.19
CA MET A 323 17.04 11.01 -8.48
C MET A 323 18.50 10.57 -8.34
N ALA A 324 19.14 10.92 -7.21
CA ALA A 324 20.50 10.51 -6.91
C ALA A 324 20.52 9.00 -6.65
N LEU A 325 19.49 8.46 -6.00
CA LEU A 325 19.40 7.02 -5.76
C LEU A 325 19.21 6.24 -7.06
N ILE A 326 18.37 6.76 -7.96
CA ILE A 326 18.10 6.15 -9.27
C ILE A 326 19.38 6.10 -10.08
N GLU A 327 20.11 7.22 -10.12
CA GLU A 327 21.37 7.36 -10.85
C GLU A 327 22.40 6.32 -10.35
N GLN A 328 22.56 6.20 -9.04
CA GLN A 328 23.50 5.26 -8.45
C GLN A 328 23.08 3.77 -8.50
N TYR A 329 21.81 3.46 -8.17
CA TYR A 329 21.37 2.07 -7.98
C TYR A 329 20.46 1.43 -9.02
N ALA A 330 20.06 2.14 -10.09
CA ALA A 330 19.16 1.57 -11.11
C ALA A 330 19.84 0.46 -11.91
N ALA A 331 21.06 0.72 -12.45
CA ALA A 331 21.82 -0.21 -13.31
C ALA A 331 21.93 -1.61 -12.70
N PRO A 332 21.71 -2.70 -13.48
CA PRO A 332 21.51 -2.76 -14.93
C PRO A 332 20.05 -2.63 -15.37
N LEU A 333 19.12 -2.32 -14.44
CA LEU A 333 17.70 -2.14 -14.79
C LEU A 333 17.52 -0.83 -15.56
N PRO A 334 16.53 -0.74 -16.48
CA PRO A 334 16.30 0.56 -17.16
C PRO A 334 15.85 1.62 -16.14
N PRO A 335 16.49 2.82 -16.11
CA PRO A 335 16.06 3.85 -15.15
C PRO A 335 14.57 4.18 -15.24
N ALA A 336 13.95 4.00 -16.43
CA ALA A 336 12.51 4.22 -16.67
C ALA A 336 11.60 3.46 -15.68
N VAL A 337 12.04 2.27 -15.22
CA VAL A 337 11.30 1.44 -14.25
C VAL A 337 11.04 2.25 -12.96
N PHE A 338 12.04 3.02 -12.52
CA PHE A 338 11.94 3.81 -11.29
C PHE A 338 11.43 5.20 -11.57
N LEU A 339 11.81 5.76 -12.74
CA LEU A 339 11.42 7.12 -13.11
C LEU A 339 9.91 7.26 -13.32
N GLY A 340 9.27 6.24 -13.92
CA GLY A 340 7.84 6.23 -14.15
C GLY A 340 7.09 6.33 -12.84
N LEU A 341 7.59 5.57 -11.86
CA LEU A 341 7.05 5.54 -10.51
C LEU A 341 7.29 6.85 -9.79
N ALA A 342 8.51 7.42 -9.90
CA ALA A 342 8.85 8.69 -9.24
C ALA A 342 7.93 9.82 -9.72
N ARG A 343 7.61 9.85 -11.03
CA ARG A 343 6.74 10.88 -11.59
C ARG A 343 5.33 10.76 -11.04
N LYS A 344 4.82 9.52 -10.91
CA LYS A 344 3.48 9.26 -10.38
C LYS A 344 3.35 9.69 -8.92
N ILE A 345 4.40 9.49 -8.13
CA ILE A 345 4.45 9.81 -6.70
C ILE A 345 4.74 11.30 -6.40
N TYR A 346 5.73 11.91 -7.08
CA TYR A 346 6.17 13.28 -6.78
C TYR A 346 5.43 14.39 -7.51
N LYS A 347 4.78 14.12 -8.66
CA LYS A 347 4.05 15.15 -9.42
C LYS A 347 3.06 15.88 -8.49
N ARG A 348 3.17 17.22 -8.47
CA ARG A 348 2.31 18.08 -7.64
C ARG A 348 0.93 18.15 -8.27
N ARG A 349 -0.08 17.57 -7.57
CA ARG A 349 -1.49 17.53 -7.99
C ARG A 349 -2.36 18.36 -7.05
C1 GOL B . -2.08 -23.12 -2.64
O1 GOL B . -3.16 -23.31 -1.75
C2 GOL B . -1.14 -24.31 -2.57
O2 GOL B . -1.77 -25.46 -3.13
C3 GOL B . 0.12 -24.01 -3.35
O3 GOL B . 0.99 -23.20 -2.58
C1 GOL C . 1.09 5.27 8.11
O1 GOL C . 2.02 4.19 7.98
C2 GOL C . 1.24 5.96 9.44
O2 GOL C . 0.72 7.30 9.34
C3 GOL C . 0.48 5.21 10.51
O3 GOL C . 0.68 5.80 11.79
C1 5B9 D . 1.22 4.50 -6.44
C2 5B9 D . 0.67 5.60 -7.14
C3 5B9 D . 1.93 3.50 -7.18
C11 5B9 D . 1.50 4.68 -9.27
C12 5B9 D . 2.37 2.27 -5.12
C13 5B9 D . -2.04 6.97 -4.79
C14 5B9 D . -2.76 6.12 -3.91
C15 5B9 D . -1.95 8.36 -4.51
C16 5B9 D . -3.39 6.67 -2.77
C17 5B9 D . -2.93 4.63 -4.17
C18 5B9 D . -2.57 8.88 -3.36
C19 5B9 D . -3.28 8.05 -2.49
C4 5B9 D . 1.10 4.35 -5.04
C5 5B9 D . -0.10 6.75 -6.44
C6 5B9 D . 0.79 5.65 -8.55
C7 5B9 D . 2.03 3.58 -8.59
C8 5B9 D . 2.49 2.38 -6.51
C9 5B9 D . 1.66 3.24 -4.38
O10 5B9 D . -1.41 6.41 -5.94
O20 5B9 D . -3.04 3.78 -3.15
O21 5B9 D . -2.95 4.21 -5.33
MG MG E . -3.33 8.50 5.02
P PO4 F . -6.58 1.85 -3.07
O1 PO4 F . -6.47 0.26 -3.04
O2 PO4 F . -8.04 2.28 -2.54
O3 PO4 F . -6.42 2.37 -4.58
O4 PO4 F . -5.50 2.47 -2.16
#